data_2A7A
#
_entry.id   2A7A
#
_cell.length_a   61.968
_cell.length_b   85.059
_cell.length_c   88.367
_cell.angle_alpha   90.00
_cell.angle_beta   90.00
_cell.angle_gamma   90.00
#
_symmetry.space_group_name_H-M   'I 2 2 2'
#
loop_
_entity.id
_entity.type
_entity.pdbx_description
1 polymer 'Concanavalin A'
2 non-polymer 'MANGANESE (II) ION'
3 non-polymer 'CALCIUM ION'
4 non-polymer XENON
5 water water
#
_entity_poly.entity_id   1
_entity_poly.type   'polypeptide(L)'
_entity_poly.pdbx_seq_one_letter_code
;ADTIVAVELDTYPNTDIGDPSYPHIGIDIKSVRSKKTAKWNMQNGKVGTAHIIYNSVDKRLSAVVSYPNADSATVSYDVD
LDNVLPEWVRVGLSASTGLYKETNTILSWSFTSKLKSNSTHETNALHFMFNQFSKDQKDLILQGDATTGTDGNLELTRVS
SNGSPQGSSVGRALFYAPVHIWESSAVVASFEATFTFLIKSPDSHPADGIAFFISNIDSSIPSGSTGRLLGLFPDAN
;
_entity_poly.pdbx_strand_id   A
#
loop_
_chem_comp.id
_chem_comp.type
_chem_comp.name
_chem_comp.formula
CA non-polymer 'CALCIUM ION' 'Ca 2'
MN non-polymer 'MANGANESE (II) ION' 'Mn 2'
XE non-polymer XENON Xe
#
# COMPACT_ATOMS: atom_id res chain seq x y z
N ALA A 1 -16.44 3.45 -10.00
CA ALA A 1 -15.18 2.81 -9.57
C ALA A 1 -14.90 3.19 -8.12
N ASP A 2 -13.94 2.50 -7.51
CA ASP A 2 -13.51 2.82 -6.16
C ASP A 2 -12.79 4.16 -6.15
N THR A 3 -12.57 4.68 -4.96
CA THR A 3 -11.73 5.86 -4.76
C THR A 3 -10.49 5.34 -4.09
N ILE A 4 -9.34 5.70 -4.64
CA ILE A 4 -8.07 5.19 -4.13
C ILE A 4 -7.12 6.30 -3.82
N VAL A 5 -6.55 6.21 -2.63
CA VAL A 5 -5.37 6.96 -2.28
C VAL A 5 -4.31 5.93 -1.95
N ALA A 6 -3.11 6.04 -2.53
CA ALA A 6 -2.11 4.99 -2.29
C ALA A 6 -0.69 5.56 -2.27
N VAL A 7 0.16 4.86 -1.55
CA VAL A 7 1.57 5.10 -1.70
C VAL A 7 2.08 3.85 -2.43
N GLU A 8 2.67 4.08 -3.61
CA GLU A 8 3.15 2.94 -4.39
C GLU A 8 4.66 2.77 -4.27
N LEU A 9 5.07 1.52 -4.13
CA LEU A 9 6.47 1.13 -4.32
C LEU A 9 6.50 0.44 -5.67
N ASP A 10 6.85 1.19 -6.70
CA ASP A 10 6.63 0.77 -8.04
C ASP A 10 7.94 0.24 -8.55
N THR A 11 8.00 -1.08 -8.81
CA THR A 11 9.28 -1.67 -9.14
C THR A 11 9.60 -1.68 -10.61
N TYR A 12 8.60 -1.35 -11.42
CA TYR A 12 8.77 -1.47 -12.86
C TYR A 12 8.43 -0.14 -13.52
N PRO A 13 9.39 0.44 -14.26
CA PRO A 13 9.11 1.73 -14.91
C PRO A 13 8.27 1.57 -16.16
N ASN A 14 7.00 1.96 -16.09
CA ASN A 14 6.17 2.02 -17.27
C ASN A 14 6.17 3.47 -17.69
N THR A 15 7.09 3.80 -18.57
CA THR A 15 7.31 5.20 -18.89
C THR A 15 6.18 5.73 -19.78
N ASP A 16 5.42 4.82 -20.37
CA ASP A 16 4.33 5.19 -21.24
C ASP A 16 3.18 5.76 -20.44
N ILE A 17 3.07 5.40 -19.17
CA ILE A 17 2.06 5.95 -18.27
C ILE A 17 2.67 6.86 -17.21
N GLY A 18 3.79 7.48 -17.56
CA GLY A 18 4.35 8.55 -16.72
C GLY A 18 5.26 8.13 -15.58
N ASP A 19 5.51 6.83 -15.39
CA ASP A 19 6.52 6.45 -14.42
C ASP A 19 7.85 7.05 -14.89
N PRO A 20 8.72 7.41 -13.93
CA PRO A 20 10.10 7.70 -14.28
C PRO A 20 10.82 6.41 -14.71
N SER A 21 11.99 6.54 -15.28
CA SER A 21 12.70 5.40 -15.86
C SER A 21 13.49 4.57 -14.83
N TYR A 22 12.98 4.52 -13.61
CA TYR A 22 13.62 3.77 -12.55
C TYR A 22 12.55 3.34 -11.56
N PRO A 23 12.86 2.31 -10.74
CA PRO A 23 11.96 1.99 -9.61
C PRO A 23 11.76 3.25 -8.75
N HIS A 24 10.57 3.42 -8.21
CA HIS A 24 10.27 4.69 -7.55
C HIS A 24 9.19 4.47 -6.55
N ILE A 25 9.10 5.41 -5.63
CA ILE A 25 7.99 5.48 -4.71
C ILE A 25 7.10 6.65 -5.14
N GLY A 26 5.81 6.47 -5.00
CA GLY A 26 4.90 7.46 -5.55
C GLY A 26 3.69 7.66 -4.70
N ILE A 27 3.10 8.84 -4.80
CA ILE A 27 1.83 9.07 -4.11
C ILE A 27 0.77 9.15 -5.18
N ASP A 28 -0.24 8.32 -5.05
CA ASP A 28 -1.25 8.16 -6.05
C ASP A 28 -2.56 8.60 -5.47
N ILE A 29 -3.11 9.64 -6.08
CA ILE A 29 -4.40 10.17 -5.64
C ILE A 29 -5.35 10.00 -6.82
N LYS A 30 -6.19 8.97 -6.73
CA LYS A 30 -7.25 8.68 -7.71
C LYS A 30 -6.74 8.36 -9.12
N SER A 31 -5.45 8.08 -9.22
CA SER A 31 -4.86 7.74 -10.51
C SER A 31 -3.57 6.95 -10.22
N VAL A 32 -3.27 5.99 -11.08
CA VAL A 32 -1.95 5.31 -11.04
C VAL A 32 -0.78 6.24 -11.42
N ARG A 33 -1.10 7.33 -12.12
CA ARG A 33 -0.08 8.29 -12.51
C ARG A 33 0.19 9.16 -11.31
N SER A 34 1.27 8.82 -10.60
CA SER A 34 1.59 9.41 -9.32
C SER A 34 1.66 10.92 -9.42
N LYS A 35 1.13 11.58 -8.39
CA LYS A 35 1.14 13.03 -8.31
C LYS A 35 2.54 13.51 -7.98
N LYS A 36 3.29 12.67 -7.28
CA LYS A 36 4.68 12.94 -6.92
C LYS A 36 5.41 11.61 -6.82
N THR A 37 6.64 11.59 -7.32
CA THR A 37 7.49 10.38 -7.19
C THR A 37 8.88 10.73 -6.69
N ALA A 38 9.58 9.71 -6.23
CA ALA A 38 11.00 9.83 -5.92
C ALA A 38 11.68 8.56 -6.32
N LYS A 39 12.93 8.68 -6.76
CA LYS A 39 13.73 7.52 -7.12
C LYS A 39 13.85 6.57 -5.90
N TRP A 40 13.72 5.30 -6.17
CA TRP A 40 13.86 4.25 -5.15
C TRP A 40 14.88 3.17 -5.64
N ASN A 41 15.95 2.95 -4.86
CA ASN A 41 16.97 2.02 -5.14
C ASN A 41 16.53 0.73 -4.51
N MET A 42 15.56 0.12 -5.18
CA MET A 42 14.95 -1.11 -4.73
C MET A 42 16.06 -2.15 -4.68
N GLN A 43 16.05 -2.97 -3.63
CA GLN A 43 17.04 -4.04 -3.46
C GLN A 43 16.36 -5.40 -3.53
N ASN A 44 16.66 -6.11 -4.60
CA ASN A 44 16.03 -7.37 -4.89
C ASN A 44 16.42 -8.34 -3.78
N GLY A 45 15.42 -8.95 -3.15
CA GLY A 45 15.66 -9.96 -2.15
C GLY A 45 15.91 -9.48 -0.73
N LYS A 46 15.91 -8.16 -0.53
CA LYS A 46 16.17 -7.60 0.81
C LYS A 46 14.89 -7.16 1.43
N VAL A 47 14.82 -7.16 2.76
CA VAL A 47 13.60 -6.72 3.45
C VAL A 47 13.70 -5.24 3.62
N GLY A 48 12.68 -4.55 3.10
CA GLY A 48 12.54 -3.09 3.13
C GLY A 48 11.39 -2.72 4.08
N THR A 49 11.36 -1.47 4.49
CA THR A 49 10.29 -0.93 5.33
C THR A 49 9.77 0.35 4.73
N ALA A 50 8.44 0.49 4.69
CA ALA A 50 7.81 1.70 4.20
C ALA A 50 7.06 2.30 5.38
N HIS A 51 7.10 3.63 5.47
CA HIS A 51 6.38 4.34 6.51
C HIS A 51 5.55 5.39 5.79
N ILE A 52 4.30 5.54 6.19
CA ILE A 52 3.40 6.48 5.55
C ILE A 52 2.78 7.28 6.69
N ILE A 53 2.67 8.61 6.52
CA ILE A 53 2.14 9.48 7.56
C ILE A 53 1.27 10.55 6.97
N TYR A 54 0.27 10.95 7.74
CA TYR A 54 -0.61 12.01 7.29
C TYR A 54 -1.35 12.61 8.48
N ASN A 55 -1.66 13.92 8.42
CA ASN A 55 -2.59 14.44 9.41
C ASN A 55 -3.41 15.51 8.77
N SER A 56 -4.57 15.75 9.33
CA SER A 56 -5.54 16.69 8.73
C SER A 56 -5.21 18.16 8.93
N VAL A 57 -4.23 18.45 9.76
CA VAL A 57 -3.84 19.83 9.95
C VAL A 57 -2.92 20.24 8.80
N ASP A 58 -1.87 19.47 8.60
CA ASP A 58 -0.93 19.79 7.55
C ASP A 58 -1.39 19.39 6.16
N LYS A 59 -2.26 18.38 6.11
CA LYS A 59 -2.81 17.88 4.83
C LYS A 59 -1.69 17.54 3.85
N ARG A 60 -0.73 16.72 4.31
CA ARG A 60 0.43 16.32 3.48
C ARG A 60 0.62 14.85 3.72
N LEU A 61 0.56 14.09 2.64
CA LEU A 61 0.69 12.64 2.71
C LEU A 61 2.15 12.39 2.42
N SER A 62 2.86 11.75 3.34
CA SER A 62 4.30 11.55 3.13
C SER A 62 4.65 10.10 3.33
N ALA A 63 5.69 9.64 2.66
CA ALA A 63 6.11 8.22 2.82
C ALA A 63 7.62 8.19 2.79
N VAL A 64 8.20 7.22 3.50
CA VAL A 64 9.63 7.02 3.46
C VAL A 64 9.83 5.54 3.28
N VAL A 65 10.77 5.16 2.43
CA VAL A 65 11.04 3.71 2.23
C VAL A 65 12.51 3.48 2.39
N SER A 66 12.90 2.41 3.07
CA SER A 66 14.30 2.23 3.32
C SER A 66 14.62 0.76 3.40
N TYR A 67 15.93 0.48 3.30
CA TYR A 67 16.46 -0.83 3.61
C TYR A 67 17.53 -0.65 4.65
N PRO A 68 17.82 -1.69 5.42
CA PRO A 68 18.96 -1.60 6.32
C PRO A 68 20.25 -1.21 5.56
N ASN A 69 21.02 -0.33 6.19
CA ASN A 69 22.35 0.05 5.71
C ASN A 69 22.33 0.95 4.48
N ALA A 70 21.14 1.39 4.08
CA ALA A 70 21.05 2.18 2.84
C ALA A 70 20.33 3.50 3.14
N ASP A 71 20.61 4.50 2.33
CA ASP A 71 19.85 5.73 2.37
C ASP A 71 18.41 5.51 1.98
N SER A 72 17.50 6.23 2.64
CA SER A 72 16.08 6.08 2.34
C SER A 72 15.62 6.92 1.13
N ALA A 73 14.38 6.70 0.74
CA ALA A 73 13.72 7.49 -0.32
C ALA A 73 12.45 8.02 0.30
N THR A 74 12.08 9.24 -0.04
CA THR A 74 10.89 9.83 0.59
C THR A 74 10.11 10.60 -0.46
N VAL A 75 8.79 10.66 -0.29
CA VAL A 75 7.97 11.40 -1.23
C VAL A 75 6.86 12.04 -0.41
N SER A 76 6.44 13.23 -0.83
CA SER A 76 5.33 13.89 -0.09
C SER A 76 4.42 14.55 -1.09
N TYR A 77 3.15 14.67 -0.74
CA TYR A 77 2.26 15.40 -1.62
C TYR A 77 1.22 16.10 -0.76
N ASP A 78 0.98 17.40 -1.03
CA ASP A 78 -0.07 18.13 -0.31
C ASP A 78 -1.41 17.70 -0.90
N VAL A 79 -2.24 17.13 -0.04
CA VAL A 79 -3.57 16.71 -0.44
C VAL A 79 -4.43 16.71 0.81
N ASP A 80 -5.63 17.27 0.69
CA ASP A 80 -6.58 17.12 1.80
C ASP A 80 -7.38 15.85 1.61
N LEU A 81 -7.05 14.82 2.40
CA LEU A 81 -7.69 13.53 2.16
C LEU A 81 -9.20 13.58 2.43
N ASP A 82 -9.66 14.56 3.20
CA ASP A 82 -11.07 14.66 3.50
C ASP A 82 -11.84 15.08 2.28
N ASN A 83 -11.09 15.59 1.29
CA ASN A 83 -11.70 15.99 0.05
C ASN A 83 -11.60 14.93 -1.03
N VAL A 84 -10.86 13.86 -0.73
CA VAL A 84 -10.66 12.80 -1.69
C VAL A 84 -11.44 11.55 -1.27
N LEU A 85 -11.27 11.18 -0.01
CA LEU A 85 -11.88 9.96 0.53
C LEU A 85 -13.18 10.17 1.23
N PRO A 86 -14.00 9.11 1.32
CA PRO A 86 -15.19 9.21 2.15
C PRO A 86 -14.79 9.23 3.63
N GLU A 87 -15.78 9.49 4.49
CA GLU A 87 -15.53 9.64 5.89
C GLU A 87 -15.12 8.32 6.55
N TRP A 88 -15.64 7.22 6.00
CA TRP A 88 -15.21 5.87 6.43
C TRP A 88 -14.52 5.17 5.29
N VAL A 89 -13.42 4.48 5.62
CA VAL A 89 -12.59 3.86 4.59
C VAL A 89 -12.14 2.51 5.05
N ARG A 90 -11.57 1.74 4.14
CA ARG A 90 -10.74 0.62 4.57
C ARG A 90 -9.32 0.90 4.15
N VAL A 91 -8.39 0.25 4.85
CA VAL A 91 -6.99 0.46 4.53
C VAL A 91 -6.43 -0.91 4.14
N GLY A 92 -5.46 -0.90 3.26
CA GLY A 92 -4.95 -2.20 2.83
C GLY A 92 -3.61 -2.15 2.13
N LEU A 93 -3.17 -3.33 1.73
CA LEU A 93 -1.96 -3.47 0.94
C LEU A 93 -2.35 -4.17 -0.36
N SER A 94 -1.76 -3.72 -1.47
CA SER A 94 -2.01 -4.34 -2.76
C SER A 94 -0.70 -4.62 -3.45
N ALA A 95 -0.67 -5.62 -4.32
CA ALA A 95 0.51 -5.79 -5.16
C ALA A 95 0.12 -6.51 -6.39
N SER A 96 1.00 -6.45 -7.38
CA SER A 96 0.70 -7.17 -8.59
C SER A 96 1.97 -7.58 -9.31
N THR A 97 1.81 -8.54 -10.21
CA THR A 97 2.83 -8.89 -11.21
C THR A 97 2.13 -8.87 -12.56
N GLY A 98 2.91 -8.88 -13.63
CA GLY A 98 2.34 -8.83 -14.96
C GLY A 98 3.10 -9.79 -15.80
N LEU A 99 3.65 -9.31 -16.90
CA LEU A 99 4.51 -10.22 -17.63
C LEU A 99 5.85 -10.35 -16.90
N TYR A 100 6.24 -9.30 -16.18
CA TYR A 100 7.38 -9.36 -15.26
C TYR A 100 6.86 -9.67 -13.87
N LYS A 101 7.73 -10.22 -13.01
CA LYS A 101 7.21 -10.72 -11.76
C LYS A 101 8.19 -10.56 -10.60
N GLU A 102 7.70 -10.76 -9.39
CA GLU A 102 8.51 -10.61 -8.19
C GLU A 102 7.61 -11.19 -7.10
N THR A 103 8.21 -11.62 -6.00
CA THR A 103 7.37 -11.86 -4.81
C THR A 103 6.91 -10.52 -4.23
N ASN A 104 5.74 -10.51 -3.60
CA ASN A 104 5.24 -9.33 -2.96
C ASN A 104 4.86 -9.71 -1.57
N THR A 105 5.90 -9.98 -0.80
CA THR A 105 5.76 -10.60 0.49
C THR A 105 5.74 -9.52 1.55
N ILE A 106 4.72 -9.57 2.41
CA ILE A 106 4.60 -8.63 3.50
C ILE A 106 4.95 -9.38 4.79
N LEU A 107 5.96 -8.88 5.50
CA LEU A 107 6.38 -9.54 6.71
C LEU A 107 5.76 -8.87 7.95
N SER A 108 5.37 -7.62 7.85
CA SER A 108 4.70 -6.97 8.97
C SER A 108 3.92 -5.81 8.44
N TRP A 109 2.88 -5.42 9.20
CA TRP A 109 2.09 -4.28 8.78
C TRP A 109 1.41 -3.70 10.00
N SER A 110 1.57 -2.40 10.20
CA SER A 110 0.92 -1.75 11.31
C SER A 110 0.30 -0.45 10.86
N PHE A 111 -0.72 -0.02 11.60
CA PHE A 111 -1.51 1.13 11.19
C PHE A 111 -2.06 1.73 12.45
N THR A 112 -2.04 3.07 12.52
CA THR A 112 -2.70 3.74 13.61
C THR A 112 -3.44 4.92 13.04
N SER A 113 -4.68 5.12 13.47
CA SER A 113 -5.38 6.35 13.12
C SER A 113 -5.92 6.94 14.41
N LYS A 114 -6.01 8.25 14.45
CA LYS A 114 -6.44 8.91 15.64
C LYS A 114 -7.32 10.06 15.22
N LEU A 115 -8.45 10.22 15.89
CA LEU A 115 -9.26 11.42 15.67
C LEU A 115 -9.40 12.06 16.99
N LYS A 116 -8.93 13.29 17.12
CA LYS A 116 -9.02 13.96 18.41
C LYS A 116 -10.02 15.07 18.26
N SER A 117 -11.04 15.02 19.12
CA SER A 117 -12.14 15.97 19.09
C SER A 117 -11.83 17.15 19.96
N ASN A 118 -12.77 18.09 20.04
CA ASN A 118 -12.66 19.23 20.94
C ASN A 118 -13.24 18.94 22.31
N SER A 119 -13.81 17.75 22.46
CA SER A 119 -14.25 17.35 23.81
C SER A 119 -12.99 17.00 24.60
N THR A 120 -12.90 17.39 25.87
CA THR A 120 -11.68 17.12 26.65
C THR A 120 -11.28 15.62 26.68
N HIS A 121 -12.25 14.73 26.83
CA HIS A 121 -12.04 13.29 26.48
C HIS A 121 -11.89 13.14 24.96
N GLU A 122 -10.71 13.42 24.43
CA GLU A 122 -10.67 13.75 23.01
C GLU A 122 -10.61 12.62 21.96
N THR A 123 -10.14 11.42 22.34
CA THR A 123 -9.63 10.58 21.26
C THR A 123 -10.36 9.33 20.87
N ASN A 124 -10.58 9.19 19.55
CA ASN A 124 -10.94 7.93 18.94
C ASN A 124 -9.74 7.39 18.22
N ALA A 125 -9.39 6.11 18.43
CA ALA A 125 -8.18 5.61 17.82
C ALA A 125 -8.41 4.19 17.37
N LEU A 126 -7.70 3.81 16.32
CA LEU A 126 -7.64 2.42 15.93
C LEU A 126 -6.17 2.12 15.69
N HIS A 127 -5.70 1.00 16.22
CA HIS A 127 -4.35 0.57 15.90
C HIS A 127 -4.33 -0.92 15.71
N PHE A 128 -3.60 -1.38 14.69
CA PHE A 128 -3.33 -2.81 14.57
C PHE A 128 -1.88 -3.00 14.20
N MET A 129 -1.36 -4.17 14.57
CA MET A 129 0.00 -4.51 14.17
C MET A 129 0.01 -5.99 13.92
N PHE A 130 0.45 -6.37 12.71
CA PHE A 130 0.65 -7.75 12.37
C PHE A 130 2.14 -7.95 12.23
N ASN A 131 2.69 -8.87 12.97
CA ASN A 131 4.06 -9.31 12.70
C ASN A 131 4.09 -10.74 12.26
N GLN A 132 2.96 -11.40 12.42
CA GLN A 132 2.81 -12.68 11.76
C GLN A 132 1.40 -12.88 11.28
N PHE A 133 1.31 -13.45 10.10
CA PHE A 133 0.01 -13.64 9.51
C PHE A 133 -0.28 -15.12 9.58
N SER A 134 -1.51 -15.46 9.92
CA SER A 134 -1.82 -16.86 10.17
C SER A 134 -2.57 -17.33 8.97
N LYS A 135 -2.60 -18.64 8.74
CA LYS A 135 -3.33 -19.21 7.61
C LYS A 135 -4.76 -18.68 7.49
N ASP A 136 -5.46 -18.54 8.60
CA ASP A 136 -6.83 -18.01 8.55
C ASP A 136 -6.87 -16.71 9.37
N GLN A 137 -6.57 -15.61 8.71
CA GLN A 137 -6.36 -14.37 9.38
C GLN A 137 -7.66 -13.56 9.29
N LYS A 138 -8.54 -13.78 10.27
CA LYS A 138 -9.92 -13.35 10.18
C LYS A 138 -10.12 -11.86 10.21
N ASP A 139 -9.12 -11.12 10.67
CA ASP A 139 -9.21 -9.66 10.67
C ASP A 139 -8.64 -9.00 9.43
N LEU A 140 -8.38 -9.82 8.40
CA LEU A 140 -7.99 -9.33 7.08
C LEU A 140 -8.95 -9.88 6.07
N ILE A 141 -9.25 -9.03 5.10
CA ILE A 141 -10.04 -9.40 3.93
C ILE A 141 -9.02 -9.58 2.84
N LEU A 142 -8.85 -10.82 2.41
CA LEU A 142 -7.92 -11.07 1.35
C LEU A 142 -8.65 -11.08 0.03
N GLN A 143 -8.05 -10.42 -0.95
CA GLN A 143 -8.65 -10.36 -2.28
C GLN A 143 -7.67 -10.85 -3.32
N GLY A 144 -8.21 -11.35 -4.42
CA GLY A 144 -7.34 -11.77 -5.53
C GLY A 144 -6.52 -12.95 -5.07
N ASP A 145 -5.21 -12.87 -5.35
CA ASP A 145 -4.27 -13.99 -5.08
C ASP A 145 -3.61 -13.93 -3.70
N ALA A 146 -3.99 -12.94 -2.89
CA ALA A 146 -3.33 -12.77 -1.58
C ALA A 146 -3.59 -13.99 -0.71
N THR A 147 -2.55 -14.45 -0.02
CA THR A 147 -2.72 -15.55 0.94
C THR A 147 -1.94 -15.20 2.19
N THR A 148 -2.34 -15.79 3.31
CA THR A 148 -1.57 -15.58 4.56
C THR A 148 -1.14 -16.95 5.08
N GLY A 149 -0.06 -16.97 5.88
CA GLY A 149 0.29 -18.13 6.72
C GLY A 149 1.43 -18.96 6.16
N THR A 150 1.94 -18.53 5.02
CA THR A 150 3.09 -19.22 4.41
C THR A 150 4.32 -18.59 5.06
N ASP A 151 5.04 -19.39 5.85
CA ASP A 151 6.10 -18.84 6.69
C ASP A 151 5.63 -17.68 7.60
N GLY A 152 4.34 -17.65 7.94
CA GLY A 152 3.79 -16.51 8.72
C GLY A 152 3.73 -15.15 8.04
N ASN A 153 3.84 -15.14 6.72
CA ASN A 153 3.79 -13.90 5.98
C ASN A 153 2.51 -13.79 5.19
N LEU A 154 2.31 -12.60 4.69
CA LEU A 154 1.23 -12.27 3.79
C LEU A 154 1.83 -12.21 2.38
N GLU A 155 1.45 -13.14 1.53
CA GLU A 155 1.94 -13.15 0.16
C GLU A 155 0.87 -12.50 -0.70
N LEU A 156 1.09 -11.25 -1.13
CA LEU A 156 0.05 -10.53 -1.83
C LEU A 156 -0.17 -11.12 -3.20
N THR A 157 0.90 -11.59 -3.83
CA THR A 157 0.74 -12.22 -5.14
C THR A 157 1.24 -13.66 -5.12
N ARG A 158 0.84 -14.39 -6.16
CA ARG A 158 1.02 -15.82 -6.19
C ARG A 158 2.48 -16.20 -6.25
N VAL A 159 2.84 -17.13 -5.38
CA VAL A 159 4.17 -17.72 -5.35
C VAL A 159 3.96 -19.23 -5.36
N SER A 160 4.75 -19.93 -6.14
CA SER A 160 4.67 -21.39 -6.17
C SER A 160 5.33 -22.01 -4.93
N SER A 161 5.18 -23.33 -4.80
CA SER A 161 5.72 -24.08 -3.68
C SER A 161 7.20 -23.78 -3.49
N ASN A 162 7.89 -23.75 -4.63
CA ASN A 162 9.35 -23.62 -4.70
C ASN A 162 9.86 -22.21 -4.47
N GLY A 163 8.94 -21.29 -4.16
CA GLY A 163 9.30 -19.91 -3.86
C GLY A 163 9.29 -18.97 -5.07
N SER A 164 8.97 -19.54 -6.23
CA SER A 164 9.00 -18.79 -7.48
C SER A 164 7.75 -17.88 -7.63
N PRO A 165 7.97 -16.56 -7.78
CA PRO A 165 6.84 -15.69 -8.01
C PRO A 165 6.26 -15.92 -9.39
N GLN A 166 4.94 -15.76 -9.49
CA GLN A 166 4.20 -16.00 -10.72
C GLN A 166 3.82 -14.67 -11.33
N GLY A 167 3.77 -14.65 -12.65
CA GLY A 167 3.33 -13.47 -13.40
C GLY A 167 1.81 -13.35 -13.34
N SER A 168 1.31 -12.22 -13.83
CA SER A 168 -0.12 -11.95 -14.00
C SER A 168 -0.91 -12.26 -12.75
N SER A 169 -0.40 -11.75 -11.65
CA SER A 169 -1.02 -12.01 -10.34
C SER A 169 -1.38 -10.71 -9.68
N VAL A 170 -2.48 -10.72 -8.95
CA VAL A 170 -2.84 -9.53 -8.23
C VAL A 170 -3.48 -9.97 -6.94
N GLY A 171 -3.19 -9.25 -5.87
CA GLY A 171 -3.75 -9.63 -4.56
C GLY A 171 -3.73 -8.44 -3.63
N ARG A 172 -4.72 -8.39 -2.74
CA ARG A 172 -4.76 -7.32 -1.73
C ARG A 172 -5.18 -7.87 -0.41
N ALA A 173 -4.89 -7.11 0.66
CA ALA A 173 -5.34 -7.51 2.00
C ALA A 173 -5.82 -6.21 2.62
N LEU A 174 -7.04 -6.24 3.11
CA LEU A 174 -7.56 -5.02 3.75
C LEU A 174 -7.88 -5.35 5.20
N PHE A 175 -7.69 -4.38 6.08
CA PHE A 175 -8.03 -4.67 7.44
C PHE A 175 -9.55 -4.74 7.55
N TYR A 176 -10.01 -5.63 8.40
CA TYR A 176 -11.42 -5.98 8.41
C TYR A 176 -12.30 -4.82 8.82
N ALA A 177 -11.87 -4.07 9.82
CA ALA A 177 -12.71 -3.01 10.39
C ALA A 177 -12.59 -1.74 9.53
N PRO A 178 -13.73 -1.12 9.22
CA PRO A 178 -13.66 0.20 8.61
C PRO A 178 -12.94 1.14 9.54
N VAL A 179 -12.42 2.21 8.96
CA VAL A 179 -11.62 3.16 9.65
C VAL A 179 -12.27 4.54 9.48
N HIS A 180 -12.45 5.25 10.57
CA HIS A 180 -13.07 6.58 10.50
C HIS A 180 -11.97 7.63 10.35
N ILE A 181 -11.96 8.35 9.25
CA ILE A 181 -10.85 9.28 8.99
C ILE A 181 -11.26 10.75 9.08
N TRP A 182 -12.53 10.97 9.34
CA TRP A 182 -13.07 12.28 9.64
C TRP A 182 -14.20 12.15 10.62
N GLU A 183 -14.29 13.08 11.56
CA GLU A 183 -15.46 13.22 12.39
C GLU A 183 -15.74 14.70 12.54
N SER A 184 -17.00 15.02 12.75
CA SER A 184 -17.39 16.41 12.71
C SER A 184 -16.82 17.27 13.86
N SER A 185 -16.57 16.67 15.02
CA SER A 185 -15.95 17.42 16.12
C SER A 185 -14.42 17.25 16.17
N ALA A 186 -13.83 16.56 15.20
CA ALA A 186 -12.39 16.31 15.17
C ALA A 186 -11.65 17.62 14.95
N VAL A 187 -10.59 17.84 15.72
CA VAL A 187 -9.73 19.02 15.49
C VAL A 187 -8.42 18.61 14.90
N VAL A 188 -8.06 17.33 15.08
CA VAL A 188 -6.94 16.74 14.41
C VAL A 188 -7.24 15.28 14.13
N ALA A 189 -6.95 14.87 12.91
CA ALA A 189 -7.05 13.48 12.51
C ALA A 189 -5.71 13.09 11.97
N SER A 190 -5.19 11.93 12.35
CA SER A 190 -3.89 11.54 11.79
C SER A 190 -3.83 10.03 11.56
N PHE A 191 -2.93 9.61 10.70
CA PHE A 191 -2.71 8.20 10.58
C PHE A 191 -1.25 7.97 10.28
N GLU A 192 -0.81 6.77 10.62
CA GLU A 192 0.49 6.35 10.18
C GLU A 192 0.36 4.88 9.81
N ALA A 193 1.16 4.45 8.85
CA ALA A 193 1.18 3.03 8.50
C ALA A 193 2.63 2.67 8.29
N THR A 194 2.94 1.42 8.60
CA THR A 194 4.28 0.91 8.36
C THR A 194 4.08 -0.48 7.82
N PHE A 195 4.88 -0.86 6.82
CA PHE A 195 4.91 -2.29 6.52
C PHE A 195 6.28 -2.72 6.11
N THR A 196 6.56 -4.00 6.28
CA THR A 196 7.87 -4.51 5.83
C THR A 196 7.58 -5.53 4.74
N PHE A 197 8.43 -5.55 3.72
CA PHE A 197 8.16 -6.29 2.51
C PHE A 197 9.46 -6.91 2.01
N LEU A 198 9.33 -7.99 1.28
CA LEU A 198 10.47 -8.63 0.68
C LEU A 198 10.03 -8.83 -0.76
N ILE A 199 10.65 -8.06 -1.64
CA ILE A 199 10.39 -8.20 -3.06
C ILE A 199 11.62 -8.87 -3.65
N LYS A 200 11.44 -10.06 -4.21
CA LYS A 200 12.56 -10.76 -4.85
C LYS A 200 12.06 -11.33 -6.15
N SER A 201 12.97 -11.38 -7.09
CA SER A 201 12.60 -11.81 -8.41
C SER A 201 13.83 -12.50 -8.94
N PRO A 202 13.63 -13.64 -9.62
CA PRO A 202 14.69 -14.32 -10.31
C PRO A 202 15.11 -13.50 -11.52
N ASP A 203 14.36 -12.46 -11.82
CA ASP A 203 14.58 -11.66 -13.04
C ASP A 203 15.22 -10.28 -12.81
N SER A 204 15.96 -9.78 -13.81
CA SER A 204 16.57 -8.43 -13.76
C SER A 204 15.57 -7.29 -13.72
N HIS A 205 14.37 -7.59 -14.19
CA HIS A 205 13.33 -6.64 -14.35
C HIS A 205 12.15 -7.11 -13.50
N PRO A 206 12.18 -6.84 -12.19
CA PRO A 206 11.01 -7.26 -11.43
C PRO A 206 9.84 -6.33 -11.74
N ALA A 207 8.65 -6.80 -11.40
CA ALA A 207 7.45 -6.00 -11.55
C ALA A 207 6.39 -6.68 -10.70
N ASP A 208 5.35 -5.95 -10.27
CA ASP A 208 5.11 -4.55 -10.59
C ASP A 208 5.21 -3.59 -9.43
N GLY A 209 4.97 -4.11 -8.23
CA GLY A 209 5.16 -3.27 -7.03
C GLY A 209 4.14 -3.57 -5.96
N ILE A 210 4.22 -2.83 -4.88
CA ILE A 210 3.35 -3.00 -3.73
C ILE A 210 2.84 -1.61 -3.39
N ALA A 211 1.60 -1.52 -2.92
CA ALA A 211 1.09 -0.22 -2.48
C ALA A 211 0.40 -0.37 -1.17
N PHE A 212 0.51 0.66 -0.31
CA PHE A 212 -0.40 0.80 0.80
C PHE A 212 -1.51 1.72 0.32
N PHE A 213 -2.77 1.39 0.54
CA PHE A 213 -3.82 2.20 0.02
C PHE A 213 -4.95 2.39 1.02
N ILE A 214 -5.78 3.38 0.72
CA ILE A 214 -6.94 3.67 1.52
C ILE A 214 -8.05 3.83 0.49
N SER A 215 -9.21 3.28 0.79
CA SER A 215 -10.26 3.23 -0.23
C SER A 215 -11.62 3.29 0.39
N ASN A 216 -12.63 3.46 -0.45
CA ASN A 216 -13.97 3.16 0.04
C ASN A 216 -14.03 1.80 0.75
N ILE A 217 -14.89 1.67 1.73
CA ILE A 217 -14.94 0.42 2.52
C ILE A 217 -15.20 -0.83 1.69
N ASP A 218 -15.96 -0.65 0.62
CA ASP A 218 -16.35 -1.77 -0.25
C ASP A 218 -15.38 -1.99 -1.41
N SER A 219 -14.16 -1.46 -1.28
CA SER A 219 -13.19 -1.52 -2.37
C SER A 219 -12.90 -2.99 -2.77
N SER A 220 -12.76 -3.21 -4.07
CA SER A 220 -12.47 -4.52 -4.61
C SER A 220 -11.44 -4.36 -5.72
N ILE A 221 -10.75 -5.45 -6.07
CA ILE A 221 -9.74 -5.41 -7.13
C ILE A 221 -10.41 -5.09 -8.46
N PRO A 222 -9.99 -3.98 -9.11
CA PRO A 222 -10.58 -3.60 -10.42
C PRO A 222 -10.24 -4.63 -11.49
N SER A 223 -11.21 -4.87 -12.35
CA SER A 223 -11.00 -5.74 -13.49
C SER A 223 -9.74 -5.26 -14.24
N GLY A 224 -8.86 -6.19 -14.56
CA GLY A 224 -7.73 -5.88 -15.43
C GLY A 224 -6.63 -5.04 -14.77
N SER A 225 -6.54 -5.12 -13.44
CA SER A 225 -5.60 -4.30 -12.67
C SER A 225 -4.36 -5.07 -12.28
N THR A 226 -4.15 -6.22 -12.94
CA THR A 226 -2.85 -6.87 -12.80
C THR A 226 -1.78 -5.96 -13.37
N GLY A 227 -0.52 -6.29 -13.17
CA GLY A 227 0.54 -5.53 -13.82
C GLY A 227 0.68 -4.10 -13.29
N ARG A 228 0.71 -3.15 -14.23
CA ARG A 228 1.13 -1.80 -13.92
C ARG A 228 0.13 -1.09 -13.06
N LEU A 229 -1.09 -1.63 -13.02
CA LEU A 229 -2.14 -0.94 -12.29
C LEU A 229 -2.23 -1.35 -10.84
N LEU A 230 -1.35 -2.27 -10.41
CA LEU A 230 -1.06 -2.52 -8.97
C LEU A 230 -2.21 -3.04 -8.15
N GLY A 231 -3.21 -3.57 -8.86
CA GLY A 231 -4.47 -4.02 -8.23
C GLY A 231 -5.31 -2.87 -7.68
N LEU A 232 -5.00 -1.65 -8.10
CA LEU A 232 -5.65 -0.44 -7.52
C LEU A 232 -6.60 0.25 -8.44
N PHE A 233 -6.29 0.25 -9.73
CA PHE A 233 -7.01 1.10 -10.69
C PHE A 233 -7.44 0.29 -11.88
N PRO A 234 -8.58 0.66 -12.50
CA PRO A 234 -9.11 -0.06 -13.64
C PRO A 234 -8.39 0.33 -14.93
N ASP A 235 -7.71 1.46 -14.92
CA ASP A 235 -7.05 1.93 -16.13
C ASP A 235 -5.92 2.88 -15.72
N ALA A 236 -5.21 3.40 -16.72
CA ALA A 236 -4.02 4.21 -16.40
C ALA A 236 -4.29 5.70 -16.54
N ASN A 237 -5.55 6.10 -16.46
CA ASN A 237 -5.93 7.50 -16.58
C ASN A 237 -5.36 8.29 -15.44
MN MN B . 4.60 4.41 -10.82
CA CA C . 5.07 0.83 -12.86
XE XE D . -2.15 6.21 1.54
XE XE E . 7.08 9.15 6.57
XE XE F . -6.78 10.47 8.88
XE XE G . -6.67 6.37 6.91
XE XE H . -6.49 9.30 5.86
#